data_3WI5
#
_entry.id   3WI5
#
_cell.length_a   143.486
_cell.length_b   143.486
_cell.length_c   178.420
_cell.angle_alpha   90.00
_cell.angle_beta   90.00
_cell.angle_gamma   120.00
#
_symmetry.space_group_name_H-M   'H 3 2'
#
loop_
_entity.id
_entity.type
_entity.pdbx_description
1 polymer 'Major outer membrane protein P.IB'
2 non-polymer 'CITRATE ANION'
3 water water
#
_entity_poly.entity_id   1
_entity_poly.type   'polypeptide(L)'
_entity_poly.pdbx_seq_one_letter_code
;DVTLYGTIKAGVETSRSVFHQNGQVTEVTTATGIVDLGSKIGFKGQEDLGNGLKAIWQVEQKASIAGTDSGWGNRQSFIG
LKGGFGKLRVGRLNSVLKDTGDINPWDSKSDYLGVNKIAEPEARLISVRYDSPEFAGLSGSVQYALNDNAGRHNSESYHA
GFNYKNGGFFVQYGGAYKRHHQVQEGLNIEKYQIHRLVSGYDNDALYASVAVQQQDAKLTDASNSHNSQTEVAATLAYRF
GNVTPRVSYAHGFKGLVAKADIGNRYDQVVVGAEYDFSKRTSALVSAGWLQEGKGENKFVATAGGVGLRHKF
;
_entity_poly.pdbx_strand_id   A
#
# COMPACT_ATOMS: atom_id res chain seq x y z
N ASP A 1 22.42 16.96 11.17
CA ASP A 1 21.92 16.18 10.02
C ASP A 1 20.50 16.61 9.63
N VAL A 2 20.37 17.57 8.71
CA VAL A 2 19.05 18.00 8.23
C VAL A 2 18.94 17.85 6.73
N THR A 3 18.08 16.93 6.29
CA THR A 3 18.04 16.51 4.92
C THR A 3 16.69 16.83 4.26
N LEU A 4 16.77 17.40 3.05
CA LEU A 4 15.61 17.59 2.18
C LEU A 4 15.65 16.54 1.11
N TYR A 5 14.54 15.81 0.95
CA TYR A 5 14.52 14.67 0.01
C TYR A 5 13.15 14.63 -0.65
N GLY A 6 13.02 13.87 -1.74
CA GLY A 6 11.72 13.66 -2.30
C GLY A 6 11.72 12.80 -3.53
N THR A 7 10.51 12.55 -4.04
CA THR A 7 10.30 11.78 -5.21
C THR A 7 9.36 12.55 -6.10
N ILE A 8 9.78 12.89 -7.31
CA ILE A 8 8.86 13.52 -8.25
C ILE A 8 8.52 12.51 -9.34
N LYS A 9 7.23 12.28 -9.52
CA LYS A 9 6.80 11.28 -10.48
C LYS A 9 5.46 11.62 -11.12
N ALA A 10 5.45 11.59 -12.45
CA ALA A 10 4.24 11.91 -13.19
C ALA A 10 4.27 11.23 -14.54
N GLY A 11 3.10 11.11 -15.17
CA GLY A 11 3.06 10.63 -16.55
C GLY A 11 1.68 10.84 -17.14
N VAL A 12 1.29 9.94 -18.07
CA VAL A 12 -0.01 10.01 -18.65
C VAL A 12 -0.65 8.65 -18.69
N GLU A 13 -1.94 8.56 -18.38
CA GLU A 13 -2.61 7.30 -18.36
C GLU A 13 -3.87 7.34 -19.19
N THR A 14 -4.18 6.21 -19.84
CA THR A 14 -5.44 6.08 -20.56
C THR A 14 -6.03 4.78 -20.09
N SER A 15 -7.35 4.72 -20.06
CA SER A 15 -8.04 3.53 -19.59
C SER A 15 -9.40 3.43 -20.24
N ARG A 16 -10.02 2.26 -20.11
CA ARG A 16 -11.33 2.02 -20.72
C ARG A 16 -12.04 0.98 -19.86
N SER A 17 -13.21 1.33 -19.36
CA SER A 17 -13.98 0.52 -18.42
C SER A 17 -15.29 0.06 -19.08
N VAL A 18 -15.52 -1.24 -19.14
CA VAL A 18 -16.69 -1.80 -19.84
C VAL A 18 -17.57 -2.64 -18.92
N PHE A 19 -18.84 -2.28 -18.79
CA PHE A 19 -19.79 -3.12 -18.07
C PHE A 19 -20.53 -3.98 -19.09
N HIS A 20 -20.38 -5.29 -18.99
CA HIS A 20 -21.24 -6.22 -19.71
C HIS A 20 -22.27 -6.65 -18.71
N GLN A 21 -23.53 -6.66 -19.12
CA GLN A 21 -24.61 -7.16 -18.25
C GLN A 21 -25.48 -8.21 -18.90
N ASN A 22 -24.84 -9.22 -19.51
CA ASN A 22 -25.48 -10.28 -20.30
C ASN A 22 -26.08 -9.80 -21.61
N GLY A 23 -25.96 -8.49 -21.90
CA GLY A 23 -26.53 -7.93 -23.14
C GLY A 23 -25.34 -7.45 -23.92
N GLN A 24 -24.16 -7.91 -23.48
CA GLN A 24 -22.91 -7.31 -23.83
C GLN A 24 -23.05 -5.85 -23.32
N VAL A 25 -22.44 -4.87 -23.99
CA VAL A 25 -22.24 -3.58 -23.32
C VAL A 25 -23.44 -2.76 -22.80
N THR A 26 -23.37 -2.41 -21.53
CA THR A 26 -24.37 -1.56 -20.88
C THR A 26 -23.76 -0.13 -20.63
N GLU A 27 -22.44 -0.07 -20.50
CA GLU A 27 -21.74 1.16 -20.20
C GLU A 27 -20.30 1.02 -20.73
N VAL A 28 -19.74 2.10 -21.28
CA VAL A 28 -18.34 2.17 -21.67
C VAL A 28 -17.89 3.57 -21.29
N THR A 29 -16.93 3.68 -20.41
CA THR A 29 -16.34 4.98 -20.11
C THR A 29 -14.84 4.92 -20.35
N THR A 30 -14.28 6.04 -20.77
CA THR A 30 -12.88 6.16 -21.03
C THR A 30 -12.31 7.35 -20.26
N ALA A 31 -10.99 7.37 -20.11
CA ALA A 31 -10.29 8.34 -19.32
C ALA A 31 -8.86 8.40 -19.91
N THR A 32 -8.40 9.61 -20.19
CA THR A 32 -7.05 9.83 -20.68
C THR A 32 -6.62 11.15 -20.02
N GLY A 33 -5.55 11.12 -19.26
CA GLY A 33 -5.17 12.27 -18.51
C GLY A 33 -3.73 12.25 -18.12
N ILE A 34 -3.15 13.44 -18.00
CA ILE A 34 -1.85 13.58 -17.34
C ILE A 34 -2.11 13.45 -15.83
N VAL A 35 -1.27 12.70 -15.12
CA VAL A 35 -1.47 12.48 -13.72
C VAL A 35 -0.18 12.47 -12.92
N ASP A 36 -0.32 12.83 -11.64
CA ASP A 36 0.81 12.75 -10.73
C ASP A 36 0.74 11.35 -10.16
N LEU A 37 1.91 10.73 -9.94
CA LEU A 37 1.91 9.33 -9.50
C LEU A 37 2.22 9.24 -7.97
N GLY A 38 2.18 10.35 -7.29
CA GLY A 38 2.38 10.37 -5.84
C GLY A 38 3.62 11.13 -5.40
N SER A 39 3.93 12.23 -6.10
CA SER A 39 5.09 13.05 -5.73
C SER A 39 5.06 13.58 -4.32
N LYS A 40 6.24 13.64 -3.72
CA LYS A 40 6.35 13.98 -2.30
C LYS A 40 7.64 14.68 -2.00
N ILE A 41 7.57 15.52 -0.95
CA ILE A 41 8.75 16.25 -0.49
C ILE A 41 8.78 16.12 1.03
N GLY A 42 9.95 15.87 1.59
CA GLY A 42 10.07 15.73 3.02
C GLY A 42 11.29 16.40 3.62
N PHE A 43 11.25 16.58 4.94
CA PHE A 43 12.39 17.07 5.69
C PHE A 43 12.62 16.06 6.78
N LYS A 44 13.88 15.76 7.07
CA LYS A 44 14.17 14.79 8.14
C LYS A 44 15.53 15.07 8.73
N GLY A 45 15.73 14.56 9.96
CA GLY A 45 17.00 14.68 10.56
C GLY A 45 17.24 13.71 11.66
N GLN A 46 18.50 13.61 12.06
CA GLN A 46 18.82 12.89 13.27
C GLN A 46 19.94 13.57 14.05
N GLU A 47 19.98 13.29 15.35
CA GLU A 47 21.09 13.76 16.18
C GLU A 47 21.65 12.65 17.07
N ASP A 48 22.95 12.45 16.97
CA ASP A 48 23.68 11.55 17.84
C ASP A 48 23.64 12.10 19.29
N LEU A 49 22.98 11.40 20.21
CA LEU A 49 22.88 11.88 21.61
C LEU A 49 23.92 11.21 22.53
N GLY A 50 24.78 10.37 21.95
CA GLY A 50 25.81 9.67 22.69
C GLY A 50 25.32 8.34 23.23
N ASN A 51 26.26 7.45 23.52
CA ASN A 51 25.93 6.10 23.99
C ASN A 51 25.10 5.31 22.98
N GLY A 52 25.24 5.66 21.70
CA GLY A 52 24.47 4.99 20.65
C GLY A 52 22.98 5.40 20.57
N LEU A 53 22.57 6.36 21.40
CA LEU A 53 21.24 6.87 21.38
C LEU A 53 21.08 7.95 20.30
N LYS A 54 19.92 7.98 19.64
CA LYS A 54 19.66 9.03 18.64
C LYS A 54 18.26 9.63 18.65
N ALA A 55 18.19 10.94 18.39
CA ALA A 55 16.92 11.61 18.13
C ALA A 55 16.68 11.51 16.59
N ILE A 56 15.44 11.26 16.20
CA ILE A 56 15.02 11.18 14.81
C ILE A 56 13.71 11.94 14.61
N TRP A 57 13.57 12.58 13.45
CA TRP A 57 12.34 13.28 13.12
C TRP A 57 12.19 13.34 11.63
N GLN A 58 10.93 13.48 11.18
CA GLN A 58 10.63 13.65 9.78
C GLN A 58 9.30 14.38 9.60
N VAL A 59 9.23 15.29 8.63
CA VAL A 59 8.00 15.93 8.27
C VAL A 59 7.89 15.81 6.77
N GLU A 60 6.91 15.02 6.33
CA GLU A 60 6.80 14.64 4.93
C GLU A 60 5.41 14.92 4.42
N GLN A 61 5.34 15.48 3.20
CA GLN A 61 4.09 16.02 2.65
C GLN A 61 3.83 15.47 1.25
N LYS A 62 2.55 15.39 0.91
CA LYS A 62 2.19 15.23 -0.49
C LYS A 62 2.54 16.49 -1.26
N ALA A 63 3.09 16.34 -2.46
CA ALA A 63 3.42 17.50 -3.30
C ALA A 63 3.18 17.18 -4.78
N SER A 64 1.99 16.75 -5.13
CA SER A 64 1.59 16.52 -6.53
C SER A 64 2.03 17.66 -7.49
N ILE A 65 2.54 17.24 -8.61
CA ILE A 65 3.08 18.15 -9.64
C ILE A 65 1.90 18.70 -10.42
N ALA A 66 0.72 18.13 -10.17
CA ALA A 66 -0.56 18.74 -10.62
C ALA A 66 -0.87 20.01 -9.82
N GLY A 67 -0.24 20.18 -8.66
CA GLY A 67 -0.54 21.34 -7.85
C GLY A 67 -1.85 21.24 -7.08
N THR A 68 -2.40 20.02 -6.93
CA THR A 68 -3.67 19.79 -6.24
C THR A 68 -3.59 19.59 -4.67
N ASP A 69 -2.43 19.18 -4.16
CA ASP A 69 -2.33 18.84 -2.71
C ASP A 69 -2.13 20.08 -1.82
N SER A 70 -2.38 19.89 -0.53
CA SER A 70 -2.05 20.93 0.47
C SER A 70 -2.01 20.27 1.83
N GLY A 71 -1.23 20.85 2.73
CA GLY A 71 -0.97 20.25 3.98
C GLY A 71 0.53 20.05 4.23
N TRP A 72 0.91 20.27 5.48
CA TRP A 72 2.20 19.84 5.97
C TRP A 72 2.01 18.55 6.75
N GLY A 73 3.01 17.67 6.67
CA GLY A 73 3.04 16.48 7.45
C GLY A 73 1.95 15.50 7.20
N ASN A 74 1.33 15.54 6.01
CA ASN A 74 0.20 14.64 5.70
C ASN A 74 0.66 13.34 5.09
N ARG A 75 1.97 13.15 4.95
CA ARG A 75 2.52 11.81 4.69
C ARG A 75 3.22 11.40 6.01
N GLN A 76 4.04 10.38 6.02
CA GLN A 76 4.66 9.95 7.26
C GLN A 76 5.57 11.00 7.97
N SER A 77 5.18 11.35 9.18
CA SER A 77 5.81 12.41 9.98
C SER A 77 5.83 11.97 11.44
N PHE A 78 6.95 12.23 12.12
CA PHE A 78 7.14 11.68 13.44
C PHE A 78 8.28 12.36 14.15
N ILE A 79 8.38 12.10 15.47
CA ILE A 79 9.60 12.30 16.21
C ILE A 79 9.79 11.01 17.05
N GLY A 80 11.02 10.67 17.37
CA GLY A 80 11.28 9.60 18.27
C GLY A 80 12.74 9.43 18.64
N LEU A 81 13.02 8.31 19.30
CA LEU A 81 14.36 7.98 19.74
C LEU A 81 14.74 6.60 19.25
N LYS A 82 16.02 6.43 18.99
CA LYS A 82 16.53 5.14 18.57
C LYS A 82 17.88 4.86 19.21
N GLY A 83 18.05 3.63 19.65
CA GLY A 83 19.29 3.19 20.32
C GLY A 83 19.33 1.68 20.43
N GLY A 84 20.04 1.18 21.43
CA GLY A 84 20.22 -0.27 21.60
C GLY A 84 18.89 -0.97 21.84
N PHE A 85 18.01 -0.32 22.62
CA PHE A 85 16.70 -0.85 22.93
C PHE A 85 15.78 -1.04 21.69
N GLY A 86 16.11 -0.39 20.60
CA GLY A 86 15.28 -0.42 19.40
C GLY A 86 14.90 1.00 18.97
N LYS A 87 13.70 1.17 18.43
CA LYS A 87 13.25 2.46 17.94
C LYS A 87 11.82 2.75 18.40
N LEU A 88 11.63 3.93 18.96
CA LEU A 88 10.31 4.35 19.43
C LEU A 88 9.91 5.64 18.74
N ARG A 89 8.75 5.65 18.10
CA ARG A 89 8.34 6.84 17.35
C ARG A 89 6.93 7.20 17.70
N VAL A 90 6.64 8.49 17.55
CA VAL A 90 5.28 9.00 17.74
C VAL A 90 4.95 9.97 16.61
N GLY A 91 3.70 9.98 16.14
CA GLY A 91 3.23 10.88 15.13
C GLY A 91 2.34 10.21 14.07
N ARG A 92 2.27 10.80 12.88
CA ARG A 92 1.48 10.21 11.78
C ARG A 92 2.42 9.13 11.11
N LEU A 93 2.08 7.87 11.35
CA LEU A 93 2.98 6.78 11.10
C LEU A 93 2.28 5.74 10.24
N ASN A 94 3.04 5.12 9.34
CA ASN A 94 2.52 3.96 8.58
C ASN A 94 2.05 2.89 9.58
N SER A 95 0.88 2.30 9.35
CA SER A 95 0.55 1.09 10.08
C SER A 95 1.54 -0.04 9.75
N VAL A 96 1.73 -0.94 10.72
CA VAL A 96 2.59 -2.10 10.49
C VAL A 96 2.20 -2.76 9.17
N LEU A 97 0.89 -2.93 8.97
CA LEU A 97 0.35 -3.45 7.73
C LEU A 97 0.98 -2.82 6.49
N LYS A 98 0.99 -1.49 6.47
CA LYS A 98 1.43 -0.77 5.30
C LYS A 98 2.92 -1.04 5.00
N ASP A 99 3.67 -1.43 6.01
CA ASP A 99 5.10 -1.71 5.85
C ASP A 99 5.44 -3.18 5.64
N THR A 100 4.43 -4.05 5.59
CA THR A 100 4.74 -5.49 5.57
C THR A 100 5.21 -5.95 4.21
N GLY A 101 4.50 -5.61 3.17
CA GLY A 101 5.14 -5.95 1.88
C GLY A 101 5.47 -4.63 1.23
N ASP A 102 6.15 -4.71 0.09
CA ASP A 102 6.03 -3.68 -0.92
C ASP A 102 5.10 -4.39 -1.93
N ILE A 103 3.88 -4.61 -1.48
CA ILE A 103 2.90 -5.45 -2.17
C ILE A 103 2.43 -4.84 -3.51
N ASN A 104 2.58 -3.54 -3.65
CA ASN A 104 2.22 -2.78 -4.84
C ASN A 104 3.34 -1.85 -5.22
N PRO A 105 4.33 -2.35 -5.96
CA PRO A 105 5.51 -1.54 -6.33
C PRO A 105 5.29 -0.65 -7.53
N TRP A 106 4.08 -0.71 -8.09
CA TRP A 106 3.72 0.12 -9.23
C TRP A 106 3.46 1.59 -8.87
N ASP A 107 4.17 2.49 -9.54
CA ASP A 107 3.77 3.91 -9.52
C ASP A 107 2.67 4.13 -10.56
N SER A 108 1.46 4.34 -10.08
CA SER A 108 0.31 4.44 -10.96
C SER A 108 -0.73 5.24 -10.24
N LYS A 109 -1.61 5.87 -11.01
CA LYS A 109 -2.76 6.54 -10.38
C LYS A 109 -4.04 5.82 -10.66
N SER A 110 -4.13 5.19 -11.84
CA SER A 110 -5.30 4.38 -12.19
C SER A 110 -5.23 3.10 -11.34
N ASP A 111 -6.39 2.64 -10.86
CA ASP A 111 -6.48 1.40 -10.12
C ASP A 111 -6.23 0.16 -10.95
N TYR A 112 -6.02 0.32 -12.27
CA TYR A 112 -5.83 -0.83 -13.13
C TYR A 112 -4.39 -0.92 -13.61
N LEU A 113 -3.54 -0.02 -13.12
CA LEU A 113 -2.12 0.04 -13.46
C LEU A 113 -1.26 -0.29 -12.25
N GLY A 114 -1.91 -0.75 -11.20
CA GLY A 114 -1.17 -1.24 -10.04
C GLY A 114 -2.03 -2.25 -9.30
N VAL A 115 -1.45 -2.86 -8.27
CA VAL A 115 -2.18 -3.83 -7.46
C VAL A 115 -2.76 -3.01 -6.34
N ASN A 116 -3.85 -2.34 -6.64
CA ASN A 116 -4.35 -1.29 -5.73
C ASN A 116 -5.37 -1.80 -4.75
N LYS A 117 -6.22 -2.71 -5.21
CA LYS A 117 -7.31 -3.21 -4.39
C LYS A 117 -6.84 -3.91 -3.11
N ILE A 118 -5.73 -4.63 -3.19
CA ILE A 118 -5.25 -5.34 -2.02
C ILE A 118 -4.57 -4.37 -1.07
N ALA A 119 -4.05 -3.29 -1.62
CA ALA A 119 -3.31 -2.30 -0.86
C ALA A 119 -4.20 -1.30 -0.14
N GLU A 120 -5.51 -1.33 -0.51
CA GLU A 120 -6.41 -0.30 0.03
C GLU A 120 -6.54 -0.18 1.56
N PRO A 121 -6.50 -1.28 2.39
CA PRO A 121 -6.60 -1.13 3.86
C PRO A 121 -5.33 -0.54 4.48
N GLU A 122 -4.28 -0.35 3.69
CA GLU A 122 -3.05 0.28 4.19
C GLU A 122 -3.38 1.75 4.54
N ALA A 123 -2.74 2.30 5.56
CA ALA A 123 -2.99 3.69 5.94
C ALA A 123 -1.91 4.21 6.85
N ARG A 124 -1.90 5.52 6.98
CA ARG A 124 -1.15 6.19 8.02
C ARG A 124 -2.09 6.61 9.09
N LEU A 125 -1.64 6.58 10.32
CA LEU A 125 -2.47 7.04 11.43
C LEU A 125 -1.58 7.53 12.60
N ILE A 126 -2.16 8.44 13.39
CA ILE A 126 -1.51 9.02 14.51
C ILE A 126 -1.44 7.92 15.58
N SER A 127 -0.24 7.61 16.03
CA SER A 127 -0.06 6.45 16.89
C SER A 127 1.34 6.46 17.52
N VAL A 128 1.62 5.44 18.34
CA VAL A 128 2.96 5.19 18.85
C VAL A 128 3.41 3.89 18.21
N ARG A 129 4.69 3.80 17.82
CA ARG A 129 5.21 2.58 17.25
C ARG A 129 6.58 2.25 17.84
N TYR A 130 6.73 0.98 18.23
CA TYR A 130 8.00 0.47 18.65
C TYR A 130 8.52 -0.53 17.61
N ASP A 131 9.73 -0.32 17.10
CA ASP A 131 10.36 -1.25 16.18
C ASP A 131 11.61 -1.84 16.84
N SER A 132 11.69 -3.17 16.91
CA SER A 132 12.75 -3.83 17.65
C SER A 132 14.09 -3.76 16.91
N PRO A 133 15.20 -3.98 17.60
CA PRO A 133 16.47 -4.22 16.91
C PRO A 133 16.38 -5.55 16.10
N GLU A 134 17.30 -5.76 15.16
CA GLU A 134 17.31 -7.00 14.40
C GLU A 134 18.30 -8.00 15.03
N PHE A 135 17.82 -9.22 15.30
CA PHE A 135 18.68 -10.28 15.79
C PHE A 135 18.60 -11.52 14.92
N ALA A 136 19.65 -11.73 14.12
CA ALA A 136 19.78 -12.86 13.24
C ALA A 136 18.58 -12.97 12.30
N GLY A 137 18.34 -11.88 11.59
CA GLY A 137 17.31 -11.83 10.58
C GLY A 137 15.95 -11.44 11.11
N LEU A 138 15.72 -11.64 12.40
CA LEU A 138 14.42 -11.42 13.01
C LEU A 138 14.24 -10.02 13.67
N SER A 139 13.15 -9.36 13.31
CA SER A 139 12.70 -8.16 14.03
C SER A 139 11.19 -8.13 14.12
N GLY A 140 10.65 -7.22 14.94
CA GLY A 140 9.22 -7.11 15.11
C GLY A 140 8.82 -5.66 15.37
N SER A 141 7.49 -5.42 15.49
CA SER A 141 6.96 -4.09 15.65
C SER A 141 5.64 -4.18 16.38
N VAL A 142 5.37 -3.21 17.28
CA VAL A 142 4.05 -3.11 17.86
C VAL A 142 3.67 -1.63 17.79
N GLN A 143 2.37 -1.35 17.65
CA GLN A 143 1.94 -0.01 17.35
C GLN A 143 0.54 0.12 17.92
N TYR A 144 0.23 1.27 18.50
CA TYR A 144 -1.03 1.48 19.12
C TYR A 144 -1.56 2.83 18.77
N ALA A 145 -2.85 2.91 18.44
CA ALA A 145 -3.45 4.16 18.05
C ALA A 145 -4.60 4.41 19.03
N LEU A 146 -4.49 5.49 19.80
CA LEU A 146 -5.45 5.74 20.89
C LEU A 146 -6.86 6.06 20.40
N ASN A 147 -7.85 5.71 21.20
CA ASN A 147 -9.26 5.98 20.88
C ASN A 147 -9.59 7.47 20.60
N ASP A 148 -8.99 8.37 21.39
CA ASP A 148 -9.18 9.83 21.16
C ASP A 148 -8.61 10.34 19.83
N ASN A 149 -7.47 9.79 19.39
CA ASN A 149 -6.88 10.15 18.08
C ASN A 149 -7.65 9.62 16.89
N ALA A 150 -8.52 8.63 17.12
CA ALA A 150 -9.19 7.92 16.05
C ALA A 150 -10.49 8.58 15.61
N GLY A 151 -11.10 9.37 16.50
CA GLY A 151 -12.40 9.97 16.20
C GLY A 151 -13.53 9.40 17.02
N ARG A 152 -14.73 9.91 16.73
CA ARG A 152 -15.93 9.58 17.50
C ARG A 152 -16.50 8.20 17.18
N HIS A 153 -16.42 7.80 15.92
CA HIS A 153 -16.95 6.51 15.49
C HIS A 153 -15.87 5.48 15.22
N ASN A 154 -14.62 5.80 15.58
CA ASN A 154 -13.54 4.86 15.44
C ASN A 154 -12.84 4.60 16.76
N SER A 155 -12.73 3.33 17.14
CA SER A 155 -12.05 2.92 18.32
C SER A 155 -10.53 2.98 18.14
N GLU A 156 -9.84 2.82 19.27
CA GLU A 156 -8.43 2.49 19.26
C GLU A 156 -8.15 1.27 18.33
N SER A 157 -6.89 1.10 17.92
CA SER A 157 -6.51 -0.05 17.14
C SER A 157 -5.12 -0.57 17.52
N TYR A 158 -4.95 -1.89 17.42
CA TYR A 158 -3.69 -2.56 17.76
C TYR A 158 -3.02 -3.07 16.49
N HIS A 159 -1.71 -2.91 16.40
CA HIS A 159 -0.97 -3.38 15.24
C HIS A 159 0.29 -4.12 15.66
N ALA A 160 0.59 -5.21 14.95
CA ALA A 160 1.81 -5.97 15.20
C ALA A 160 2.35 -6.57 13.90
N GLY A 161 3.65 -6.85 13.86
CA GLY A 161 4.24 -7.51 12.73
C GLY A 161 5.60 -8.04 13.08
N PHE A 162 6.10 -9.01 12.30
CA PHE A 162 7.46 -9.43 12.46
C PHE A 162 8.07 -9.55 11.09
N ASN A 163 9.39 -9.46 11.02
CA ASN A 163 10.09 -9.61 9.75
C ASN A 163 11.25 -10.57 9.90
N TYR A 164 11.56 -11.29 8.84
CA TYR A 164 12.72 -12.11 8.81
C TYR A 164 13.44 -11.80 7.53
N LYS A 165 14.75 -11.62 7.60
CA LYS A 165 15.54 -11.38 6.40
C LYS A 165 16.85 -12.15 6.49
N ASN A 166 17.15 -12.92 5.47
CA ASN A 166 18.40 -13.61 5.38
C ASN A 166 18.81 -13.70 3.92
N GLY A 167 19.88 -13.00 3.54
CA GLY A 167 20.24 -12.84 2.15
C GLY A 167 19.09 -12.12 1.44
N GLY A 168 18.64 -12.63 0.30
CA GLY A 168 17.57 -12.02 -0.43
C GLY A 168 16.19 -12.55 0.00
N PHE A 169 16.16 -13.56 0.85
CA PHE A 169 14.90 -14.14 1.20
C PHE A 169 14.28 -13.38 2.35
N PHE A 170 12.97 -13.21 2.30
CA PHE A 170 12.27 -12.55 3.37
C PHE A 170 10.92 -13.16 3.54
N VAL A 171 10.40 -12.99 4.75
CA VAL A 171 9.00 -13.24 5.02
C VAL A 171 8.58 -12.13 5.97
N GLN A 172 7.41 -11.55 5.72
CA GLN A 172 6.91 -10.49 6.60
C GLN A 172 5.49 -10.75 6.94
N TYR A 173 5.15 -10.48 8.19
CA TYR A 173 3.77 -10.61 8.68
C TYR A 173 3.36 -9.28 9.25
N GLY A 174 2.05 -8.96 9.13
CA GLY A 174 1.50 -7.76 9.73
C GLY A 174 0.03 -7.90 9.96
N GLY A 175 -0.43 -7.41 11.09
CA GLY A 175 -1.84 -7.55 11.40
C GLY A 175 -2.36 -6.38 12.17
N ALA A 176 -3.68 -6.32 12.33
CA ALA A 176 -4.29 -5.24 13.07
C ALA A 176 -5.62 -5.67 13.63
N TYR A 177 -5.97 -5.10 14.79
CA TYR A 177 -7.31 -5.30 15.30
C TYR A 177 -7.95 -3.97 15.65
N LYS A 178 -9.21 -3.80 15.25
CA LYS A 178 -9.93 -2.58 15.49
C LYS A 178 -11.37 -2.85 15.94
N ARG A 179 -11.68 -2.42 17.16
CA ARG A 179 -12.97 -2.67 17.78
C ARG A 179 -14.16 -2.08 17.01
N HIS A 180 -14.05 -0.82 16.58
CA HIS A 180 -15.09 -0.10 15.86
C HIS A 180 -14.55 0.67 14.67
N HIS A 181 -15.10 0.41 13.49
CA HIS A 181 -14.56 1.06 12.29
C HIS A 181 -15.66 1.68 11.46
N GLN A 182 -15.53 2.97 11.18
CA GLN A 182 -16.55 3.63 10.41
C GLN A 182 -16.38 3.34 8.93
N VAL A 183 -17.47 2.90 8.31
CA VAL A 183 -17.52 2.90 6.85
C VAL A 183 -18.47 4.04 6.43
N GLN A 184 -17.96 4.87 5.54
CA GLN A 184 -18.50 6.20 5.30
C GLN A 184 -19.89 6.19 4.62
N GLU A 185 -20.02 5.38 3.60
CA GLU A 185 -21.28 5.27 2.87
C GLU A 185 -22.24 4.23 3.51
N GLY A 186 -21.69 3.10 3.95
CA GLY A 186 -22.49 1.98 4.43
C GLY A 186 -22.53 1.82 5.94
N LEU A 187 -23.02 0.66 6.36
CA LEU A 187 -23.04 0.30 7.77
C LEU A 187 -21.64 0.13 8.27
N ASN A 188 -21.40 0.56 9.51
CA ASN A 188 -20.07 0.44 10.09
C ASN A 188 -19.80 -1.02 10.50
N ILE A 189 -18.53 -1.34 10.79
CA ILE A 189 -18.14 -2.69 11.15
C ILE A 189 -17.44 -2.72 12.50
N GLU A 190 -17.47 -3.89 13.14
CA GLU A 190 -16.88 -4.09 14.46
C GLU A 190 -15.94 -5.30 14.45
N LYS A 191 -15.01 -5.32 15.39
CA LYS A 191 -14.10 -6.47 15.60
C LYS A 191 -13.39 -6.80 14.31
N TYR A 192 -12.91 -5.76 13.66
CA TYR A 192 -12.26 -5.87 12.41
C TYR A 192 -10.83 -6.30 12.63
N GLN A 193 -10.41 -7.29 11.85
CA GLN A 193 -9.02 -7.68 11.93
C GLN A 193 -8.52 -7.96 10.53
N ILE A 194 -7.26 -7.64 10.30
CA ILE A 194 -6.66 -7.92 9.03
C ILE A 194 -5.32 -8.58 9.29
N HIS A 195 -5.00 -9.59 8.47
CA HIS A 195 -3.70 -10.27 8.53
C HIS A 195 -3.13 -10.42 7.14
N ARG A 196 -1.83 -10.17 7.01
CA ARG A 196 -1.17 -10.26 5.75
C ARG A 196 0.15 -10.99 5.95
N LEU A 197 0.49 -11.84 4.96
CA LEU A 197 1.73 -12.59 5.01
C LEU A 197 2.34 -12.50 3.64
N VAL A 198 3.64 -12.19 3.60
CA VAL A 198 4.33 -11.97 2.38
C VAL A 198 5.66 -12.68 2.48
N SER A 199 6.06 -13.30 1.38
CA SER A 199 7.36 -13.93 1.35
C SER A 199 7.85 -13.80 -0.06
N GLY A 200 9.17 -13.72 -0.24
CA GLY A 200 9.71 -13.60 -1.56
C GLY A 200 11.23 -13.51 -1.52
N TYR A 201 11.80 -13.12 -2.63
CA TYR A 201 13.25 -13.04 -2.77
C TYR A 201 13.58 -11.70 -3.40
N ASP A 202 14.47 -10.95 -2.78
CA ASP A 202 14.77 -9.61 -3.23
C ASP A 202 16.25 -9.32 -3.23
N ASN A 203 16.75 -8.92 -4.41
CA ASN A 203 18.10 -8.41 -4.57
C ASN A 203 18.22 -7.69 -5.93
N ASP A 204 19.47 -7.52 -6.36
CA ASP A 204 19.78 -7.12 -7.73
C ASP A 204 19.25 -8.16 -8.71
N ALA A 205 18.81 -7.73 -9.87
CA ALA A 205 18.36 -8.67 -10.93
C ALA A 205 17.35 -9.78 -10.71
N LEU A 206 16.67 -9.80 -9.57
CA LEU A 206 15.74 -10.92 -9.31
C LEU A 206 14.89 -10.35 -8.18
N TYR A 207 13.61 -10.15 -8.47
CA TYR A 207 12.65 -9.80 -7.44
C TYR A 207 11.44 -10.69 -7.59
N ALA A 208 11.04 -11.34 -6.51
CA ALA A 208 9.83 -12.15 -6.52
C ALA A 208 9.11 -11.98 -5.21
N SER A 209 7.79 -11.95 -5.28
CA SER A 209 7.00 -11.74 -4.07
C SER A 209 5.63 -12.39 -4.19
N VAL A 210 5.17 -13.00 -3.09
CA VAL A 210 3.81 -13.51 -3.03
C VAL A 210 3.18 -13.17 -1.67
N ALA A 211 1.91 -12.76 -1.69
CA ALA A 211 1.25 -12.22 -0.49
C ALA A 211 -0.16 -12.72 -0.44
N VAL A 212 -0.62 -13.03 0.78
CA VAL A 212 -1.98 -13.40 0.99
C VAL A 212 -2.50 -12.48 2.10
N GLN A 213 -3.76 -12.09 2.02
CA GLN A 213 -4.33 -11.11 2.95
C GLN A 213 -5.72 -11.53 3.36
N GLN A 214 -6.00 -11.50 4.65
CA GLN A 214 -7.30 -11.89 5.12
C GLN A 214 -7.89 -10.77 6.02
N GLN A 215 -9.16 -10.42 5.77
CA GLN A 215 -9.92 -9.46 6.56
C GLN A 215 -11.21 -10.08 7.08
N ASP A 216 -11.55 -9.81 8.32
CA ASP A 216 -12.77 -10.30 8.94
C ASP A 216 -13.31 -9.22 9.83
N ALA A 217 -14.63 -9.17 9.95
CA ALA A 217 -15.28 -8.21 10.82
C ALA A 217 -16.75 -8.60 10.97
N LYS A 218 -17.44 -7.93 11.87
CA LYS A 218 -18.87 -8.10 12.06
C LYS A 218 -19.58 -6.83 11.60
N LEU A 219 -20.69 -6.99 10.91
CA LEU A 219 -21.42 -5.86 10.39
C LEU A 219 -22.33 -5.32 11.48
N THR A 220 -22.43 -4.01 11.59
CA THR A 220 -23.36 -3.43 12.56
C THR A 220 -24.73 -3.35 11.90
N ASP A 221 -25.29 -4.54 11.67
CA ASP A 221 -26.61 -4.66 11.04
C ASP A 221 -27.52 -5.32 12.03
N ALA A 222 -28.66 -5.82 11.61
CA ALA A 222 -29.63 -6.42 12.55
C ALA A 222 -29.21 -7.77 13.14
N SER A 223 -28.12 -8.35 12.66
CA SER A 223 -27.76 -9.74 13.04
C SER A 223 -26.28 -9.93 13.33
N ASN A 224 -25.53 -8.82 13.33
CA ASN A 224 -24.07 -8.88 13.45
C ASN A 224 -23.39 -9.84 12.46
N SER A 225 -23.91 -9.84 11.23
CA SER A 225 -23.42 -10.69 10.15
C SER A 225 -21.91 -10.60 9.96
N HIS A 226 -21.27 -11.76 9.98
CA HIS A 226 -19.85 -11.89 9.66
C HIS A 226 -19.55 -11.43 8.24
N ASN A 227 -18.43 -10.74 8.06
CA ASN A 227 -17.94 -10.36 6.73
C ASN A 227 -16.47 -10.72 6.61
N SER A 228 -16.05 -11.12 5.41
CA SER A 228 -14.69 -11.52 5.20
C SER A 228 -14.27 -11.36 3.77
N GLN A 229 -12.95 -11.32 3.54
CA GLN A 229 -12.39 -11.12 2.21
C GLN A 229 -11.00 -11.70 2.22
N THR A 230 -10.64 -12.39 1.14
CA THR A 230 -9.32 -12.99 0.99
C THR A 230 -8.78 -12.57 -0.34
N GLU A 231 -7.51 -12.20 -0.39
CA GLU A 231 -6.90 -11.71 -1.60
C GLU A 231 -5.45 -12.23 -1.65
N VAL A 232 -4.98 -12.49 -2.86
CA VAL A 232 -3.60 -12.92 -3.05
C VAL A 232 -3.00 -12.04 -4.14
N ALA A 233 -1.72 -11.77 -4.05
CA ALA A 233 -1.05 -11.03 -5.09
C ALA A 233 0.37 -11.56 -5.24
N ALA A 234 0.84 -11.62 -6.48
CA ALA A 234 2.19 -12.10 -6.75
C ALA A 234 2.80 -11.20 -7.76
N THR A 235 4.10 -10.85 -7.60
CA THR A 235 4.76 -10.17 -8.65
C THR A 235 6.15 -10.72 -8.92
N LEU A 236 6.59 -10.56 -10.17
CA LEU A 236 7.88 -11.08 -10.60
C LEU A 236 8.60 -10.04 -11.44
N ALA A 237 9.85 -9.78 -11.12
CA ALA A 237 10.63 -8.82 -11.90
C ALA A 237 12.05 -9.37 -12.10
N TYR A 238 12.66 -9.01 -13.22
CA TYR A 238 14.04 -9.35 -13.52
C TYR A 238 14.73 -8.22 -14.28
N ARG A 239 15.89 -7.82 -13.79
CA ARG A 239 16.66 -6.73 -14.39
C ARG A 239 17.71 -7.17 -15.44
N PHE A 240 17.55 -6.67 -16.65
CA PHE A 240 18.53 -6.86 -17.72
C PHE A 240 19.25 -5.54 -18.01
N GLY A 241 20.39 -5.33 -17.39
CA GLY A 241 21.14 -4.08 -17.53
C GLY A 241 20.31 -2.96 -16.92
N ASN A 242 19.80 -2.08 -17.79
CA ASN A 242 19.06 -0.89 -17.43
C ASN A 242 17.56 -1.07 -17.43
N VAL A 243 17.10 -2.18 -17.98
CA VAL A 243 15.67 -2.40 -18.08
C VAL A 243 15.23 -3.46 -17.09
N THR A 244 14.05 -3.26 -16.50
CA THR A 244 13.48 -4.24 -15.57
C THR A 244 12.00 -4.40 -15.86
N PRO A 245 11.67 -5.40 -16.66
CA PRO A 245 10.27 -5.79 -16.78
C PRO A 245 9.78 -6.42 -15.50
N ARG A 246 8.49 -6.25 -15.21
CA ARG A 246 7.85 -6.95 -14.14
C ARG A 246 6.40 -7.24 -14.51
N VAL A 247 5.82 -8.21 -13.83
CA VAL A 247 4.44 -8.56 -14.03
C VAL A 247 3.85 -8.82 -12.64
N SER A 248 2.57 -8.46 -12.47
CA SER A 248 1.87 -8.75 -11.25
C SER A 248 0.57 -9.38 -11.59
N TYR A 249 0.12 -10.28 -10.73
CA TYR A 249 -1.19 -10.85 -10.80
C TYR A 249 -1.77 -10.74 -9.40
N ALA A 250 -3.07 -10.45 -9.30
CA ALA A 250 -3.73 -10.41 -8.03
C ALA A 250 -5.10 -11.00 -8.25
N HIS A 251 -5.62 -11.64 -7.22
CA HIS A 251 -6.90 -12.26 -7.29
C HIS A 251 -7.65 -12.00 -6.01
N GLY A 252 -8.92 -11.59 -6.12
CA GLY A 252 -9.72 -11.47 -4.93
C GLY A 252 -10.78 -12.55 -4.94
N PHE A 253 -10.83 -13.33 -3.86
CA PHE A 253 -11.80 -14.41 -3.78
C PHE A 253 -13.18 -13.85 -3.54
N LYS A 254 -14.18 -14.66 -3.87
CA LYS A 254 -15.56 -14.24 -3.71
C LYS A 254 -15.82 -14.23 -2.21
N GLY A 255 -15.98 -13.04 -1.65
CA GLY A 255 -16.00 -12.88 -0.21
C GLY A 255 -17.29 -12.27 0.29
N LEU A 256 -17.56 -12.47 1.57
CA LEU A 256 -18.79 -11.97 2.16
C LEU A 256 -18.66 -10.54 2.63
N VAL A 257 -18.85 -9.61 1.70
CA VAL A 257 -18.80 -8.19 2.00
C VAL A 257 -20.09 -7.52 1.54
N ALA A 258 -20.71 -6.76 2.44
CA ALA A 258 -21.92 -6.00 2.14
C ALA A 258 -21.72 -4.88 1.10
N LYS A 259 -20.56 -4.24 1.15
CA LYS A 259 -20.24 -3.16 0.23
C LYS A 259 -20.34 -3.62 -1.22
N ALA A 260 -20.73 -2.71 -2.10
CA ALA A 260 -20.87 -3.03 -3.52
C ALA A 260 -19.50 -2.97 -4.21
N ASP A 261 -18.44 -2.88 -3.43
CA ASP A 261 -17.09 -2.83 -3.96
C ASP A 261 -16.99 -4.06 -4.86
N ILE A 262 -17.19 -5.21 -4.22
CA ILE A 262 -17.49 -5.19 -2.79
C ILE A 262 -16.50 -5.51 -1.69
N GLY A 263 -15.72 -6.59 -1.81
CA GLY A 263 -15.36 -7.20 -3.05
C GLY A 263 -15.97 -8.51 -3.52
N ASN A 264 -16.44 -8.39 -4.73
CA ASN A 264 -16.73 -9.49 -5.54
C ASN A 264 -15.38 -9.98 -5.92
N ARG A 265 -15.40 -11.12 -6.57
CA ARG A 265 -14.24 -11.78 -7.06
C ARG A 265 -13.60 -10.87 -8.07
N TYR A 266 -12.29 -10.84 -8.16
CA TYR A 266 -11.62 -10.13 -9.21
C TYR A 266 -10.34 -10.81 -9.64
N ASP A 267 -9.92 -10.58 -10.88
CA ASP A 267 -8.60 -10.97 -11.33
C ASP A 267 -7.98 -9.78 -12.01
N GLN A 268 -6.67 -9.62 -11.84
CA GLN A 268 -5.96 -8.56 -12.55
C GLN A 268 -4.55 -8.92 -12.82
N VAL A 269 -4.03 -8.36 -13.91
CA VAL A 269 -2.62 -8.50 -14.22
C VAL A 269 -2.15 -7.13 -14.61
N VAL A 270 -0.93 -6.79 -14.18
CA VAL A 270 -0.31 -5.60 -14.59
C VAL A 270 1.07 -5.98 -15.14
N VAL A 271 1.48 -5.32 -16.20
CA VAL A 271 2.66 -5.66 -16.91
C VAL A 271 3.36 -4.34 -17.22
N GLY A 272 4.69 -4.33 -17.23
CA GLY A 272 5.40 -3.09 -17.43
C GLY A 272 6.90 -3.22 -17.34
N ALA A 273 7.59 -2.09 -17.42
CA ALA A 273 9.05 -2.07 -17.41
C ALA A 273 9.51 -0.71 -16.91
N GLU A 274 10.61 -0.69 -16.18
CA GLU A 274 11.29 0.51 -15.81
C GLU A 274 12.58 0.61 -16.57
N TYR A 275 12.87 1.79 -17.10
CA TYR A 275 14.16 2.05 -17.73
C TYR A 275 14.92 3.07 -16.90
N ASP A 276 16.09 2.69 -16.42
CA ASP A 276 16.90 3.55 -15.57
C ASP A 276 17.91 4.37 -16.34
N PHE A 277 17.75 5.70 -16.37
CA PHE A 277 18.77 6.58 -16.99
C PHE A 277 19.92 6.73 -16.03
N SER A 278 19.62 6.51 -14.75
CA SER A 278 20.59 6.68 -13.68
C SER A 278 19.99 5.99 -12.46
N LYS A 279 20.70 6.03 -11.34
CA LYS A 279 20.18 5.46 -10.09
C LYS A 279 19.03 6.28 -9.49
N ARG A 280 18.82 7.50 -9.98
CA ARG A 280 17.77 8.37 -9.43
C ARG A 280 16.62 8.60 -10.39
N THR A 281 16.90 8.44 -11.68
CA THR A 281 15.92 8.75 -12.71
C THR A 281 15.48 7.54 -13.55
N SER A 282 14.18 7.32 -13.62
CA SER A 282 13.65 6.19 -14.34
C SER A 282 12.43 6.54 -15.16
N ALA A 283 12.35 5.96 -16.34
CA ALA A 283 11.17 6.06 -17.18
C ALA A 283 10.35 4.80 -16.88
N LEU A 284 9.04 4.91 -17.01
CA LEU A 284 8.13 3.85 -16.66
C LEU A 284 7.13 3.64 -17.77
N VAL A 285 6.73 2.38 -17.99
CA VAL A 285 5.63 2.09 -18.91
C VAL A 285 4.89 0.91 -18.32
N SER A 286 3.58 0.86 -18.47
CA SER A 286 2.83 -0.25 -17.90
C SER A 286 1.50 -0.42 -18.59
N ALA A 287 0.88 -1.59 -18.38
CA ALA A 287 -0.41 -1.87 -18.96
C ALA A 287 -1.09 -2.85 -18.07
N GLY A 288 -2.43 -2.85 -18.07
CA GLY A 288 -3.17 -3.55 -17.06
C GLY A 288 -4.51 -4.01 -17.54
N TRP A 289 -5.00 -5.09 -16.91
CA TRP A 289 -6.29 -5.67 -17.22
C TRP A 289 -6.93 -6.09 -15.94
N LEU A 290 -8.23 -5.83 -15.80
CA LEU A 290 -8.93 -6.27 -14.60
C LEU A 290 -10.35 -6.70 -14.95
N GLN A 291 -10.77 -7.83 -14.39
CA GLN A 291 -12.13 -8.32 -14.57
C GLN A 291 -12.78 -8.56 -13.21
N GLU A 292 -13.90 -7.92 -12.95
CA GLU A 292 -14.60 -8.02 -11.68
C GLU A 292 -15.92 -8.70 -11.87
N GLY A 293 -16.12 -9.29 -13.04
CA GLY A 293 -17.34 -10.03 -13.25
C GLY A 293 -17.38 -11.43 -12.69
N LYS A 294 -18.37 -12.19 -13.12
CA LYS A 294 -18.48 -13.63 -12.93
C LYS A 294 -18.31 -14.39 -14.25
N GLY A 295 -18.17 -13.64 -15.34
CA GLY A 295 -18.33 -14.12 -16.70
C GLY A 295 -19.58 -13.56 -17.36
N GLU A 296 -20.59 -13.25 -16.52
CA GLU A 296 -21.91 -12.76 -16.95
C GLU A 296 -22.00 -11.24 -16.81
N ASN A 297 -22.27 -10.74 -15.60
CA ASN A 297 -22.08 -9.31 -15.30
C ASN A 297 -20.60 -8.92 -15.20
N LYS A 298 -19.82 -9.13 -16.26
CA LYS A 298 -18.43 -8.72 -16.29
C LYS A 298 -18.28 -7.19 -16.12
N PHE A 299 -17.29 -6.74 -15.34
CA PHE A 299 -16.72 -5.44 -15.51
C PHE A 299 -15.30 -5.66 -16.02
N VAL A 300 -15.00 -5.15 -17.23
CA VAL A 300 -13.67 -5.28 -17.78
C VAL A 300 -12.97 -3.93 -17.95
N ALA A 301 -11.84 -3.75 -17.29
CA ALA A 301 -11.02 -2.57 -17.46
C ALA A 301 -9.67 -2.87 -18.12
N THR A 302 -9.29 -2.05 -19.09
CA THR A 302 -7.92 -2.06 -19.61
C THR A 302 -7.32 -0.68 -19.40
N ALA A 303 -5.98 -0.61 -19.25
CA ALA A 303 -5.30 0.64 -19.15
C ALA A 303 -3.87 0.55 -19.57
N GLY A 304 -3.31 1.71 -19.89
CA GLY A 304 -1.88 1.83 -20.18
C GLY A 304 -1.36 3.18 -19.70
N GLY A 305 -0.04 3.26 -19.47
CA GLY A 305 0.56 4.48 -19.05
C GLY A 305 2.05 4.57 -19.23
N VAL A 306 2.54 5.80 -19.30
CA VAL A 306 3.99 6.03 -19.36
C VAL A 306 4.25 7.09 -18.32
N GLY A 307 5.46 7.11 -17.76
CA GLY A 307 5.75 8.01 -16.69
C GLY A 307 7.22 8.25 -16.56
N LEU A 308 7.54 9.24 -15.75
CA LEU A 308 8.91 9.58 -15.43
C LEU A 308 9.01 9.76 -13.90
N ARG A 309 10.12 9.31 -13.31
CA ARG A 309 10.30 9.32 -11.85
C ARG A 309 11.71 9.80 -11.54
N HIS A 310 11.82 10.78 -10.64
CA HIS A 310 13.13 11.24 -10.19
C HIS A 310 13.22 11.34 -8.67
N LYS A 311 14.24 10.74 -8.12
CA LYS A 311 14.46 10.78 -6.66
C LYS A 311 15.62 11.71 -6.32
N PHE A 312 15.51 12.37 -5.17
CA PHE A 312 16.55 13.30 -4.75
C PHE A 312 16.55 13.40 -3.24
#